data_6QEH
#
_entry.id   6QEH
#
_cell.length_a   90.060
_cell.length_b   100.260
_cell.length_c   100.340
_cell.angle_alpha   90.00
_cell.angle_beta   90.00
_cell.angle_gamma   90.00
#
_symmetry.space_group_name_H-M   'C 2 2 21'
#
loop_
_entity.id
_entity.type
_entity.pdbx_description
1 polymer 'Methionine aminopeptidase 2'
2 non-polymer GLYCEROL
3 non-polymer 5-chloranylquinolin-8-ol
4 non-polymer 'MANGANESE (II) ION'
5 water water
#
_entity_poly.entity_id   1
_entity_poly.type   'polypeptide(L)'
_entity_poly.pdbx_seq_one_letter_code
;MGPKVQTDPPSVPICDLYPNGVFPKGQECEYPPTQDGRTAAWRTTSEEKKALDQASEEIWNDFREAAEAHRQVRKYVMSW
IKPGMTMIEICEKLEDCSRKLIKENGLNAGLAFPTGCSLNNCAAHYTPNAGDTTVLQYDDICKIDFGTHISGRIIDCAFT
VTFNPKYDTLLKAVKDATNTGIKCAGIDVRLCDVGEAIQEVMESYEVEIDGKTYQVKPIRNLNGHSIGQYRIHAGKTVPI
VKGGEATRMEEGEVYAIETFGSTGKGVVHDDMECSHYMKNFDVGHVPIRLPRTKHLLNVINENFGTLAFCRRWLDRLGES
KYLMALKNLCDLGIVDPYPPLCDIKGSYTAQFEHTILLRPTCKEVVSRGDDYHHHHHH
;
_entity_poly.pdbx_strand_id   A
#
loop_
_chem_comp.id
_chem_comp.type
_chem_comp.name
_chem_comp.formula
GOL non-polymer GLYCEROL 'C3 H8 O3'
HZQ non-polymer 5-chloranylquinolin-8-ol 'C9 H6 Cl N O'
MN non-polymer 'MANGANESE (II) ION' 'Mn 2'
#
# COMPACT_ATOMS: atom_id res chain seq x y z
N VAL A 5 24.56 13.06 6.30
CA VAL A 5 23.37 12.91 7.13
C VAL A 5 22.11 13.45 6.45
N GLN A 6 20.92 12.95 6.87
CA GLN A 6 19.64 13.38 6.32
C GLN A 6 19.28 14.77 6.85
N THR A 7 18.70 15.63 5.99
CA THR A 7 18.29 16.99 6.36
C THR A 7 16.92 17.02 7.04
N ASP A 8 16.60 18.16 7.69
CA ASP A 8 15.29 18.41 8.29
C ASP A 8 14.75 19.70 7.64
N PRO A 9 13.75 19.67 6.70
CA PRO A 9 13.01 18.50 6.15
C PRO A 9 13.87 17.59 5.26
N PRO A 10 13.53 16.28 5.11
CA PRO A 10 14.38 15.40 4.28
C PRO A 10 14.44 15.76 2.79
N SER A 11 15.67 15.82 2.25
CA SER A 11 15.93 16.13 0.84
C SER A 11 17.05 15.25 0.26
N VAL A 12 17.81 14.57 1.14
CA VAL A 12 18.94 13.71 0.76
C VAL A 12 18.42 12.31 0.36
N PRO A 13 18.66 11.84 -0.88
CA PRO A 13 18.19 10.48 -1.25
C PRO A 13 18.81 9.40 -0.40
N ILE A 14 18.09 8.29 -0.19
CA ILE A 14 18.52 7.13 0.60
C ILE A 14 19.85 6.56 0.06
N CYS A 15 20.01 6.53 -1.29
N CYS A 15 20.04 6.49 -1.28
CA CYS A 15 21.18 6.11 -2.08
CA CYS A 15 21.28 5.98 -1.88
C CYS A 15 22.43 6.83 -1.58
C CYS A 15 22.50 6.82 -1.48
N ASP A 16 22.34 8.15 -1.34
CA ASP A 16 23.42 9.02 -0.87
C ASP A 16 23.71 8.83 0.62
N LEU A 17 22.74 8.31 1.38
CA LEU A 17 22.90 8.06 2.82
C LEU A 17 23.62 6.74 3.13
N TYR A 18 23.77 5.86 2.13
CA TYR A 18 24.45 4.57 2.24
C TYR A 18 25.39 4.44 1.03
N PRO A 19 26.56 5.14 1.08
CA PRO A 19 27.52 5.09 -0.04
C PRO A 19 27.94 3.70 -0.57
N ASN A 20 27.87 2.66 0.28
CA ASN A 20 28.23 1.27 -0.05
C ASN A 20 27.14 0.53 -0.82
N GLY A 21 25.94 1.12 -0.88
CA GLY A 21 24.77 0.57 -1.57
C GLY A 21 24.11 -0.61 -0.89
N VAL A 22 24.24 -0.70 0.45
CA VAL A 22 23.68 -1.74 1.31
C VAL A 22 22.70 -1.01 2.23
N PHE A 23 21.40 -1.26 2.03
CA PHE A 23 20.34 -0.57 2.77
C PHE A 23 19.93 -1.35 4.05
N PRO A 24 19.34 -0.71 5.09
CA PRO A 24 19.06 -1.46 6.32
C PRO A 24 17.94 -2.47 6.18
N LYS A 25 18.15 -3.67 6.73
CA LYS A 25 17.13 -4.72 6.74
C LYS A 25 16.00 -4.27 7.68
N GLY A 26 14.77 -4.67 7.37
CA GLY A 26 13.62 -4.42 8.22
C GLY A 26 13.62 -5.40 9.38
N GLN A 27 12.47 -5.54 10.06
CA GLN A 27 12.38 -6.50 11.17
C GLN A 27 12.34 -7.91 10.61
N GLU A 28 13.19 -8.80 11.12
CA GLU A 28 13.25 -10.22 10.75
C GLU A 28 12.60 -11.05 11.82
N CYS A 29 11.79 -12.03 11.39
CA CYS A 29 11.06 -12.93 12.27
C CYS A 29 11.22 -14.37 11.82
N GLU A 30 11.17 -15.27 12.80
CA GLU A 30 11.16 -16.71 12.60
C GLU A 30 9.73 -17.02 12.15
N TYR A 31 9.56 -17.99 11.26
CA TYR A 31 8.24 -18.35 10.73
C TYR A 31 7.32 -19.01 11.77
N PRO A 32 5.97 -18.91 11.65
CA PRO A 32 5.11 -19.55 12.65
C PRO A 32 5.15 -21.09 12.58
N PRO A 33 5.04 -21.82 13.72
CA PRO A 33 5.09 -23.28 13.67
C PRO A 33 3.84 -23.94 13.07
N THR A 34 3.94 -25.24 12.73
CA THR A 34 2.84 -26.02 12.15
C THR A 34 1.73 -26.34 13.19
N GLN A 35 0.67 -27.05 12.75
CA GLN A 35 -0.47 -27.47 13.59
C GLN A 35 -0.05 -28.46 14.67
N ASP A 36 0.90 -29.38 14.35
CA ASP A 36 1.43 -30.36 15.33
C ASP A 36 2.39 -29.67 16.32
N GLY A 37 3.05 -28.60 15.88
CA GLY A 37 3.96 -27.80 16.70
C GLY A 37 5.41 -27.74 16.26
N ARG A 38 5.73 -28.22 15.04
CA ARG A 38 7.10 -28.23 14.49
C ARG A 38 7.55 -26.82 14.10
N THR A 39 8.67 -26.36 14.69
CA THR A 39 9.27 -25.04 14.44
C THR A 39 9.90 -24.91 13.04
N ALA A 40 10.00 -23.65 12.56
CA ALA A 40 10.59 -23.31 11.27
C ALA A 40 12.01 -22.77 11.44
N ALA A 41 12.52 -22.76 12.70
CA ALA A 41 13.86 -22.31 13.12
C ALA A 41 15.00 -22.83 12.22
N TRP A 42 14.86 -24.08 11.70
CA TRP A 42 15.81 -24.75 10.80
C TRP A 42 16.17 -23.90 9.55
N ARG A 43 15.24 -23.05 9.05
CA ARG A 43 15.45 -22.19 7.88
C ARG A 43 16.58 -21.18 8.08
N THR A 44 16.66 -20.59 9.31
CA THR A 44 17.64 -19.58 9.74
C THR A 44 19.13 -20.02 9.58
N THR A 45 19.41 -21.34 9.66
CA THR A 45 20.79 -21.86 9.61
C THR A 45 21.06 -22.89 8.48
N SER A 46 20.05 -23.20 7.64
CA SER A 46 20.18 -24.15 6.53
C SER A 46 21.06 -23.61 5.40
N GLU A 47 22.03 -24.43 4.94
CA GLU A 47 22.96 -24.10 3.85
C GLU A 47 22.18 -23.83 2.56
N GLU A 48 21.22 -24.72 2.24
CA GLU A 48 20.33 -24.68 1.08
C GLU A 48 19.42 -23.44 1.08
N LYS A 49 18.94 -23.03 2.27
CA LYS A 49 18.05 -21.86 2.41
C LYS A 49 18.83 -20.55 2.32
N LYS A 50 20.04 -20.50 2.94
CA LYS A 50 20.93 -19.34 2.94
C LYS A 50 21.41 -19.06 1.51
N ALA A 51 21.66 -20.13 0.72
CA ALA A 51 22.08 -20.05 -0.67
C ALA A 51 21.02 -19.38 -1.53
N LEU A 52 19.74 -19.83 -1.44
CA LEU A 52 18.62 -19.25 -2.19
C LEU A 52 18.36 -17.81 -1.80
N ASP A 53 18.55 -17.48 -0.50
CA ASP A 53 18.35 -16.14 0.05
C ASP A 53 19.38 -15.14 -0.47
N GLN A 54 20.68 -15.54 -0.49
CA GLN A 54 21.81 -14.74 -0.97
C GLN A 54 21.76 -14.50 -2.48
N ALA A 55 21.12 -15.43 -3.21
CA ALA A 55 20.92 -15.36 -4.66
C ALA A 55 20.00 -14.19 -5.02
N SER A 56 18.99 -13.90 -4.15
CA SER A 56 18.02 -12.80 -4.31
C SER A 56 18.34 -11.53 -3.47
N GLU A 57 19.59 -11.42 -2.95
CA GLU A 57 20.06 -10.32 -2.11
C GLU A 57 19.89 -8.94 -2.76
N GLU A 58 20.21 -8.83 -4.06
CA GLU A 58 20.13 -7.60 -4.85
C GLU A 58 18.68 -7.11 -4.88
N ILE A 59 17.71 -8.06 -4.86
CA ILE A 59 16.26 -7.83 -4.86
C ILE A 59 15.81 -7.36 -3.48
N TRP A 60 16.18 -8.08 -2.38
CA TRP A 60 15.82 -7.67 -1.01
C TRP A 60 16.37 -6.28 -0.75
N ASN A 61 17.61 -6.04 -1.19
CA ASN A 61 18.29 -4.74 -1.11
C ASN A 61 17.51 -3.62 -1.86
N ASP A 62 16.77 -3.96 -2.95
CA ASP A 62 15.93 -2.99 -3.68
C ASP A 62 14.69 -2.63 -2.87
N PHE A 63 14.05 -3.62 -2.20
CA PHE A 63 12.88 -3.38 -1.34
C PHE A 63 13.28 -2.57 -0.11
N ARG A 64 14.52 -2.74 0.38
CA ARG A 64 15.07 -2.06 1.56
C ARG A 64 15.32 -0.58 1.33
N GLU A 65 15.87 -0.22 0.17
CA GLU A 65 16.10 1.15 -0.25
C GLU A 65 14.76 1.84 -0.31
N ALA A 66 13.78 1.21 -1.02
CA ALA A 66 12.39 1.71 -1.16
C ALA A 66 11.71 1.80 0.24
N ALA A 67 11.96 0.83 1.14
CA ALA A 67 11.37 0.84 2.48
C ALA A 67 11.95 1.95 3.36
N GLU A 68 13.26 2.25 3.24
CA GLU A 68 13.91 3.30 4.02
C GLU A 68 13.42 4.68 3.58
N ALA A 69 13.13 4.86 2.27
CA ALA A 69 12.54 6.10 1.74
C ALA A 69 11.14 6.26 2.32
N HIS A 70 10.34 5.15 2.38
CA HIS A 70 8.98 5.15 2.94
C HIS A 70 8.96 5.54 4.43
N ARG A 71 9.87 4.97 5.27
CA ARG A 71 9.99 5.28 6.71
C ARG A 71 10.26 6.77 6.96
N GLN A 72 11.27 7.34 6.28
CA GLN A 72 11.64 8.74 6.38
C GLN A 72 10.54 9.67 5.86
N VAL A 73 9.79 9.25 4.81
CA VAL A 73 8.66 10.06 4.32
C VAL A 73 7.53 10.05 5.37
N ARG A 74 7.12 8.86 5.88
CA ARG A 74 6.00 8.86 6.81
C ARG A 74 6.29 9.51 8.19
N LYS A 75 7.55 9.52 8.65
CA LYS A 75 7.92 10.20 9.91
C LYS A 75 7.80 11.71 9.69
N TYR A 76 8.27 12.18 8.55
CA TYR A 76 8.16 13.57 8.12
C TYR A 76 6.65 13.97 8.00
N VAL A 77 5.81 13.14 7.35
CA VAL A 77 4.36 13.40 7.20
C VAL A 77 3.67 13.60 8.55
N MET A 78 3.99 12.73 9.53
CA MET A 78 3.46 12.76 10.89
C MET A 78 3.79 14.04 11.64
N SER A 79 4.89 14.69 11.28
CA SER A 79 5.37 15.93 11.91
C SER A 79 4.62 17.22 11.46
N TRP A 80 3.98 17.22 10.28
CA TRP A 80 3.27 18.41 9.79
C TRP A 80 1.80 18.20 9.39
N ILE A 81 1.33 16.95 9.17
CA ILE A 81 -0.07 16.72 8.78
C ILE A 81 -1.01 17.27 9.87
N LYS A 82 -1.78 18.30 9.49
CA LYS A 82 -2.69 18.97 10.40
C LYS A 82 -4.01 19.33 9.74
N PRO A 83 -5.11 19.45 10.52
CA PRO A 83 -6.37 19.92 9.92
C PRO A 83 -6.16 21.36 9.41
N GLY A 84 -6.83 21.72 8.31
CA GLY A 84 -6.72 23.06 7.72
C GLY A 84 -5.99 23.03 6.41
N MET A 85 -5.12 22.01 6.24
CA MET A 85 -4.38 21.84 5.00
C MET A 85 -5.38 21.20 4.01
N THR A 86 -5.29 21.53 2.71
CA THR A 86 -6.15 20.91 1.72
C THR A 86 -5.57 19.49 1.44
N MET A 87 -6.31 18.64 0.70
CA MET A 87 -5.82 17.29 0.37
C MET A 87 -4.76 17.37 -0.73
N ILE A 88 -4.86 18.40 -1.64
CA ILE A 88 -3.83 18.63 -2.64
C ILE A 88 -2.50 18.97 -1.90
N GLU A 89 -2.47 19.99 -0.98
CA GLU A 89 -1.26 20.39 -0.19
C GLU A 89 -0.59 19.21 0.51
N ILE A 90 -1.38 18.33 1.15
CA ILE A 90 -0.87 17.15 1.86
C ILE A 90 -0.15 16.23 0.86
N CYS A 91 -0.84 15.82 -0.21
CA CYS A 91 -0.30 14.93 -1.23
C CYS A 91 0.91 15.49 -1.93
N GLU A 92 0.89 16.79 -2.28
CA GLU A 92 2.04 17.36 -2.96
C GLU A 92 3.28 17.49 -2.08
N LYS A 93 3.10 17.83 -0.78
CA LYS A 93 4.20 17.96 0.17
C LYS A 93 4.80 16.56 0.42
N LEU A 94 3.92 15.54 0.56
CA LEU A 94 4.32 14.14 0.74
C LEU A 94 5.08 13.66 -0.52
N GLU A 95 4.47 13.80 -1.72
CA GLU A 95 5.06 13.31 -2.97
C GLU A 95 6.38 13.98 -3.32
N ASP A 96 6.50 15.32 -3.11
CA ASP A 96 7.76 16.05 -3.35
C ASP A 96 8.89 15.42 -2.55
N CYS A 97 8.65 15.10 -1.26
CA CYS A 97 9.62 14.44 -0.39
C CYS A 97 9.90 13.02 -0.89
N SER A 98 8.85 12.25 -1.17
CA SER A 98 9.00 10.89 -1.69
C SER A 98 9.90 10.86 -2.93
N ARG A 99 9.69 11.78 -3.89
CA ARG A 99 10.49 11.88 -5.13
C ARG A 99 11.98 12.15 -4.84
N LYS A 100 12.28 13.05 -3.90
CA LYS A 100 13.64 13.38 -3.52
C LYS A 100 14.36 12.18 -2.85
N LEU A 101 13.70 11.47 -1.89
CA LEU A 101 14.37 10.38 -1.17
C LEU A 101 14.52 9.09 -1.97
N ILE A 102 13.61 8.83 -2.91
CA ILE A 102 13.67 7.63 -3.73
C ILE A 102 14.63 7.83 -4.91
N LYS A 103 15.07 9.09 -5.14
CA LYS A 103 15.90 9.52 -6.27
C LYS A 103 15.17 9.05 -7.53
N GLU A 104 14.02 9.68 -7.80
CA GLU A 104 13.15 9.34 -8.93
C GLU A 104 13.91 9.31 -10.23
N ASN A 105 13.82 8.18 -10.92
CA ASN A 105 14.51 7.99 -12.19
C ASN A 105 13.66 7.14 -13.12
N GLY A 106 12.72 7.81 -13.80
CA GLY A 106 11.81 7.16 -14.74
C GLY A 106 11.13 5.96 -14.13
N LEU A 107 11.26 4.80 -14.82
CA LEU A 107 10.69 3.52 -14.40
C LEU A 107 11.59 2.71 -13.49
N ASN A 108 12.83 3.17 -13.29
CA ASN A 108 13.84 2.48 -12.49
C ASN A 108 13.76 2.76 -10.99
N ALA A 109 13.15 3.89 -10.62
CA ALA A 109 13.02 4.35 -9.24
C ALA A 109 11.94 5.45 -9.19
N GLY A 110 11.05 5.37 -8.21
CA GLY A 110 9.97 6.35 -8.08
C GLY A 110 8.78 5.98 -7.20
N LEU A 111 7.64 6.61 -7.49
CA LEU A 111 6.38 6.42 -6.76
C LEU A 111 5.64 5.24 -7.41
N ALA A 112 5.34 4.22 -6.60
CA ALA A 112 4.72 3.00 -7.09
C ALA A 112 3.22 3.16 -7.29
N PHE A 113 2.61 4.08 -6.55
CA PHE A 113 1.18 4.35 -6.69
C PHE A 113 0.81 5.69 -6.08
N PRO A 114 -0.36 6.28 -6.47
CA PRO A 114 -0.72 7.60 -5.93
C PRO A 114 -0.96 7.64 -4.41
N THR A 115 -0.82 8.84 -3.81
CA THR A 115 -0.98 9.01 -2.35
C THR A 115 -2.43 8.96 -1.97
N GLY A 116 -2.83 7.83 -1.40
CA GLY A 116 -4.16 7.66 -0.90
C GLY A 116 -4.22 8.45 0.40
N CYS A 117 -5.28 9.22 0.57
CA CYS A 117 -5.51 9.99 1.78
C CYS A 117 -7.00 9.91 2.09
N SER A 118 -7.58 8.72 1.93
CA SER A 118 -9.02 8.50 2.09
C SER A 118 -9.55 8.90 3.46
N LEU A 119 -10.69 9.57 3.43
CA LEU A 119 -11.30 10.14 4.61
C LEU A 119 -12.62 9.54 5.09
N ASN A 120 -12.67 9.31 6.40
CA ASN A 120 -13.90 8.87 7.05
C ASN A 120 -14.47 7.58 6.48
N ASN A 121 -15.67 7.66 5.92
CA ASN A 121 -16.30 6.49 5.31
C ASN A 121 -15.54 5.89 4.10
N CYS A 122 -14.78 6.71 3.39
CA CYS A 122 -14.00 6.20 2.28
C CYS A 122 -12.75 5.53 2.86
N ALA A 123 -12.71 4.22 2.74
CA ALA A 123 -11.60 3.38 3.17
C ALA A 123 -10.32 3.47 2.34
N ALA A 124 -10.49 3.54 1.02
CA ALA A 124 -9.33 3.51 0.12
C ALA A 124 -9.51 4.09 -1.27
N HIS A 125 -8.36 4.29 -1.92
CA HIS A 125 -8.22 4.81 -3.28
C HIS A 125 -8.68 6.24 -3.55
N TYR A 126 -8.64 7.10 -2.54
CA TYR A 126 -8.98 8.49 -2.78
C TYR A 126 -7.78 9.39 -2.71
N THR A 127 -7.53 10.07 -3.81
CA THR A 127 -6.51 11.09 -3.91
C THR A 127 -7.15 12.22 -4.71
N PRO A 128 -6.91 13.47 -4.31
CA PRO A 128 -7.56 14.54 -5.06
C PRO A 128 -7.12 14.67 -6.52
N ASN A 129 -8.09 15.06 -7.37
CA ASN A 129 -7.87 15.40 -8.76
C ASN A 129 -7.77 16.91 -8.70
N ALA A 130 -7.30 17.57 -9.78
CA ALA A 130 -7.18 19.02 -9.86
C ALA A 130 -8.49 19.74 -9.51
N GLY A 131 -8.40 20.82 -8.75
CA GLY A 131 -9.58 21.61 -8.36
C GLY A 131 -10.36 21.09 -7.17
N ASP A 132 -9.88 20.00 -6.57
CA ASP A 132 -10.52 19.45 -5.39
C ASP A 132 -10.20 20.40 -4.20
N THR A 133 -11.24 20.98 -3.58
CA THR A 133 -11.05 21.95 -2.49
C THR A 133 -11.17 21.34 -1.07
N THR A 134 -11.31 20.01 -0.95
CA THR A 134 -11.39 19.31 0.34
C THR A 134 -10.15 19.70 1.22
N VAL A 135 -10.46 20.01 2.46
CA VAL A 135 -9.59 20.46 3.54
C VAL A 135 -9.80 19.39 4.62
N LEU A 136 -8.68 18.94 5.21
CA LEU A 136 -8.64 17.98 6.32
C LEU A 136 -9.19 18.66 7.58
N GLN A 137 -10.14 17.99 8.23
CA GLN A 137 -10.82 18.49 9.42
C GLN A 137 -10.28 17.77 10.65
N TYR A 138 -10.45 18.40 11.83
CA TYR A 138 -10.02 17.89 13.11
C TYR A 138 -10.65 16.54 13.44
N ASP A 139 -11.95 16.32 13.07
CA ASP A 139 -12.62 15.04 13.34
C ASP A 139 -12.44 14.03 12.22
N ASP A 140 -11.61 14.33 11.23
CA ASP A 140 -11.40 13.38 10.12
C ASP A 140 -10.49 12.24 10.50
N ILE A 141 -10.70 11.10 9.83
CA ILE A 141 -9.89 9.90 9.97
C ILE A 141 -9.35 9.61 8.53
N CYS A 142 -8.08 9.97 8.34
CA CYS A 142 -7.36 9.97 7.09
C CYS A 142 -6.41 8.77 6.95
N LYS A 143 -6.58 7.98 5.90
CA LYS A 143 -5.72 6.86 5.63
C LYS A 143 -4.65 7.28 4.61
N ILE A 144 -3.39 7.37 5.08
CA ILE A 144 -2.25 7.71 4.24
C ILE A 144 -1.66 6.41 3.70
N ASP A 145 -1.87 6.16 2.42
CA ASP A 145 -1.39 4.96 1.74
C ASP A 145 -0.58 5.39 0.54
N PHE A 146 0.72 5.20 0.60
CA PHE A 146 1.59 5.57 -0.51
C PHE A 146 2.61 4.48 -0.73
N GLY A 147 3.17 4.45 -1.93
CA GLY A 147 4.14 3.44 -2.31
C GLY A 147 5.38 3.98 -2.97
N THR A 148 6.49 3.26 -2.75
CA THR A 148 7.80 3.58 -3.32
C THR A 148 8.34 2.33 -4.00
N HIS A 149 9.13 2.49 -5.04
CA HIS A 149 9.78 1.34 -5.69
C HIS A 149 11.17 1.68 -6.14
N ILE A 150 12.00 0.63 -6.21
CA ILE A 150 13.33 0.60 -6.79
C ILE A 150 13.25 -0.60 -7.72
N SER A 151 13.46 -0.38 -9.03
CA SER A 151 13.45 -1.45 -10.04
C SER A 151 12.19 -2.35 -9.98
N GLY A 152 11.06 -1.74 -9.68
CA GLY A 152 9.78 -2.41 -9.57
C GLY A 152 9.54 -3.19 -8.30
N ARG A 153 10.47 -3.09 -7.31
CA ARG A 153 10.33 -3.75 -5.99
C ARG A 153 9.59 -2.76 -5.12
N ILE A 154 8.27 -2.98 -4.99
CA ILE A 154 7.30 -2.08 -4.33
C ILE A 154 7.16 -2.22 -2.81
N ILE A 155 7.14 -1.08 -2.11
CA ILE A 155 6.81 -1.00 -0.68
C ILE A 155 5.41 -0.40 -0.59
N ASP A 156 4.43 -1.24 -0.23
CA ASP A 156 3.04 -0.83 -0.05
C ASP A 156 2.85 -0.74 1.49
N CYS A 157 2.72 0.47 2.01
CA CYS A 157 2.66 0.69 3.45
C CYS A 157 1.73 1.89 3.75
N ALA A 158 0.84 1.72 4.74
CA ALA A 158 -0.21 2.68 5.12
C ALA A 158 -0.44 2.76 6.62
N PHE A 159 -1.00 3.90 7.05
CA PHE A 159 -1.31 4.18 8.44
C PHE A 159 -2.47 5.18 8.49
N THR A 160 -3.16 5.26 9.65
CA THR A 160 -4.31 6.15 9.83
C THR A 160 -3.93 7.33 10.69
N VAL A 161 -4.37 8.52 10.26
CA VAL A 161 -4.14 9.79 10.91
C VAL A 161 -5.46 10.33 11.47
N THR A 162 -5.45 10.68 12.77
CA THR A 162 -6.58 11.29 13.46
C THR A 162 -6.04 12.40 14.38
N PHE A 163 -6.95 13.29 14.81
CA PHE A 163 -6.61 14.38 15.70
C PHE A 163 -7.52 14.30 16.90
N ASN A 164 -8.66 13.57 16.76
CA ASN A 164 -9.61 13.40 17.87
C ASN A 164 -9.34 12.05 18.56
N PRO A 165 -9.04 12.04 19.89
CA PRO A 165 -8.78 10.76 20.59
C PRO A 165 -9.96 9.78 20.61
N LYS A 166 -11.17 10.21 20.19
CA LYS A 166 -12.35 9.34 20.15
C LYS A 166 -12.18 8.12 19.22
N TYR A 167 -11.25 8.18 18.25
CA TYR A 167 -11.01 7.08 17.34
C TYR A 167 -9.87 6.17 17.80
N ASP A 168 -9.21 6.46 18.96
CA ASP A 168 -8.03 5.71 19.43
C ASP A 168 -8.22 4.21 19.48
N THR A 169 -9.36 3.75 20.04
CA THR A 169 -9.66 2.33 20.13
C THR A 169 -9.94 1.74 18.74
N LEU A 170 -10.57 2.53 17.83
CA LEU A 170 -10.80 2.06 16.45
C LEU A 170 -9.45 1.74 15.74
N LEU A 171 -8.47 2.68 15.83
CA LEU A 171 -7.11 2.56 15.28
C LEU A 171 -6.38 1.39 15.90
N LYS A 172 -6.52 1.24 17.24
CA LYS A 172 -5.87 0.16 18.00
C LYS A 172 -6.34 -1.24 17.58
N ALA A 173 -7.65 -1.37 17.27
CA ALA A 173 -8.23 -2.64 16.79
C ALA A 173 -7.59 -3.11 15.49
N VAL A 174 -7.48 -2.18 14.54
CA VAL A 174 -6.98 -2.38 13.18
C VAL A 174 -5.49 -2.58 13.18
N LYS A 175 -4.76 -1.83 14.03
CA LYS A 175 -3.32 -1.99 14.17
C LYS A 175 -3.00 -3.39 14.69
N ASP A 176 -3.76 -3.86 15.70
CA ASP A 176 -3.60 -5.17 16.33
C ASP A 176 -3.93 -6.28 15.34
N ALA A 177 -5.00 -6.14 14.53
CA ALA A 177 -5.32 -7.15 13.51
C ALA A 177 -4.25 -7.25 12.41
N THR A 178 -3.65 -6.10 12.01
CA THR A 178 -2.57 -6.03 11.01
C THR A 178 -1.34 -6.75 11.55
N ASN A 179 -1.00 -6.55 12.87
CA ASN A 179 0.13 -7.22 13.52
C ASN A 179 -0.09 -8.73 13.59
N THR A 180 -1.35 -9.15 13.85
CA THR A 180 -1.82 -10.53 13.89
C THR A 180 -1.57 -11.18 12.52
N GLY A 181 -2.05 -10.55 11.44
CA GLY A 181 -1.85 -11.01 10.07
C GLY A 181 -0.39 -11.17 9.70
N ILE A 182 0.46 -10.16 10.05
CA ILE A 182 1.91 -10.18 9.85
C ILE A 182 2.49 -11.38 10.59
N LYS A 183 2.06 -11.60 11.87
CA LYS A 183 2.51 -12.72 12.70
C LYS A 183 2.10 -14.08 12.12
N CYS A 184 0.83 -14.23 11.68
CA CYS A 184 0.31 -15.49 11.13
C CYS A 184 0.93 -15.85 9.78
N ALA A 185 1.19 -14.85 8.92
CA ALA A 185 1.79 -15.05 7.59
C ALA A 185 3.11 -15.85 7.60
N GLY A 186 3.33 -16.64 6.56
CA GLY A 186 4.55 -17.43 6.41
C GLY A 186 4.45 -18.49 5.36
N ILE A 187 5.61 -19.01 4.90
CA ILE A 187 5.68 -20.10 3.91
C ILE A 187 4.82 -21.29 4.36
N ASP A 188 3.98 -21.79 3.42
CA ASP A 188 3.06 -22.94 3.57
C ASP A 188 1.76 -22.60 4.35
N VAL A 189 1.67 -21.39 4.95
CA VAL A 189 0.47 -20.96 5.70
C VAL A 189 -0.66 -20.65 4.71
N ARG A 190 -1.85 -21.24 4.95
CA ARG A 190 -3.06 -21.03 4.14
C ARG A 190 -3.47 -19.56 4.25
N LEU A 191 -3.98 -18.99 3.15
CA LEU A 191 -4.40 -17.58 3.13
C LEU A 191 -5.68 -17.36 3.93
N CYS A 192 -6.59 -18.37 3.96
CA CYS A 192 -7.84 -18.32 4.72
C CYS A 192 -7.56 -18.34 6.23
N ASP A 193 -6.43 -18.97 6.64
CA ASP A 193 -5.98 -19.05 8.03
C ASP A 193 -5.55 -17.66 8.53
N VAL A 194 -4.79 -16.92 7.70
CA VAL A 194 -4.34 -15.56 7.99
C VAL A 194 -5.56 -14.64 8.12
N GLY A 195 -6.57 -14.88 7.28
CA GLY A 195 -7.81 -14.10 7.29
C GLY A 195 -8.69 -14.30 8.50
N GLU A 196 -8.71 -15.52 9.05
CA GLU A 196 -9.52 -15.84 10.23
C GLU A 196 -8.88 -15.30 11.53
N ALA A 197 -7.53 -15.27 11.58
CA ALA A 197 -6.83 -14.75 12.74
C ALA A 197 -7.05 -13.23 12.86
N ILE A 198 -7.01 -12.52 11.72
CA ILE A 198 -7.24 -11.08 11.54
C ILE A 198 -8.65 -10.71 12.02
N GLN A 199 -9.69 -11.43 11.53
CA GLN A 199 -11.08 -11.20 11.92
C GLN A 199 -11.30 -11.40 13.40
N GLU A 200 -10.76 -12.50 13.96
CA GLU A 200 -10.88 -12.89 15.38
C GLU A 200 -10.33 -11.78 16.32
N VAL A 201 -9.23 -11.14 15.92
CA VAL A 201 -8.59 -10.07 16.69
C VAL A 201 -9.37 -8.77 16.53
N MET A 202 -9.78 -8.43 15.31
CA MET A 202 -10.54 -7.20 15.04
C MET A 202 -11.91 -7.18 15.74
N GLU A 203 -12.68 -8.27 15.68
CA GLU A 203 -13.99 -8.37 16.30
C GLU A 203 -13.95 -8.45 17.84
N SER A 204 -12.77 -8.65 18.44
CA SER A 204 -12.65 -8.69 19.91
C SER A 204 -12.77 -7.27 20.50
N TYR A 205 -12.60 -6.25 19.67
CA TYR A 205 -12.66 -4.84 20.07
C TYR A 205 -14.05 -4.22 19.95
N GLU A 206 -14.39 -3.40 20.95
CA GLU A 206 -15.63 -2.62 20.93
C GLU A 206 -15.28 -1.15 21.18
N VAL A 207 -15.85 -0.27 20.35
CA VAL A 207 -15.58 1.18 20.37
C VAL A 207 -16.82 1.97 20.67
N GLU A 208 -16.64 3.13 21.27
CA GLU A 208 -17.71 4.09 21.55
C GLU A 208 -17.29 5.42 20.87
N ILE A 209 -18.07 5.88 19.89
CA ILE A 209 -17.83 7.13 19.18
C ILE A 209 -19.12 7.96 19.24
N ASP A 210 -19.01 9.14 19.87
CA ASP A 210 -20.11 10.09 20.09
C ASP A 210 -21.36 9.42 20.68
N GLY A 211 -21.16 8.69 21.79
CA GLY A 211 -22.22 8.00 22.53
C GLY A 211 -22.78 6.77 21.85
N LYS A 212 -22.18 6.35 20.73
CA LYS A 212 -22.61 5.16 20.00
C LYS A 212 -21.56 4.07 20.11
N THR A 213 -22.00 2.82 20.27
CA THR A 213 -21.10 1.67 20.38
C THR A 213 -21.12 0.87 19.13
N TYR A 214 -19.98 0.29 18.83
CA TYR A 214 -19.76 -0.55 17.66
C TYR A 214 -18.75 -1.62 18.03
N GLN A 215 -18.88 -2.80 17.39
CA GLN A 215 -17.88 -3.84 17.40
C GLN A 215 -17.18 -3.62 16.06
N VAL A 216 -15.86 -3.44 16.06
CA VAL A 216 -15.07 -3.17 14.86
C VAL A 216 -15.23 -4.32 13.86
N LYS A 217 -15.63 -4.00 12.62
CA LYS A 217 -15.83 -4.98 11.55
C LYS A 217 -14.67 -4.93 10.57
N PRO A 218 -14.13 -6.07 10.12
CA PRO A 218 -13.13 -6.02 9.04
C PRO A 218 -13.87 -5.67 7.73
N ILE A 219 -13.26 -4.91 6.79
CA ILE A 219 -13.98 -4.65 5.53
C ILE A 219 -13.83 -5.90 4.67
N ARG A 220 -14.88 -6.75 4.65
CA ARG A 220 -14.88 -8.08 4.04
C ARG A 220 -14.46 -8.11 2.56
N ASN A 221 -14.79 -7.08 1.75
CA ASN A 221 -14.40 -7.09 0.32
C ASN A 221 -13.07 -6.37 0.03
N LEU A 222 -12.37 -5.92 1.09
CA LEU A 222 -11.03 -5.32 1.02
C LEU A 222 -10.08 -6.34 1.63
N ASN A 223 -8.83 -6.41 1.16
CA ASN A 223 -7.90 -7.44 1.63
C ASN A 223 -6.44 -7.20 1.26
N GLY A 224 -5.57 -8.02 1.85
CA GLY A 224 -4.14 -8.05 1.56
C GLY A 224 -3.92 -8.75 0.24
N HIS A 225 -2.70 -8.71 -0.26
CA HIS A 225 -2.42 -9.27 -1.59
C HIS A 225 -0.96 -9.59 -1.80
N SER A 226 -0.67 -10.35 -2.85
CA SER A 226 0.72 -10.63 -3.22
C SER A 226 1.21 -9.48 -4.09
N ILE A 227 2.53 -9.32 -4.18
CA ILE A 227 3.17 -8.24 -4.95
C ILE A 227 4.15 -8.89 -5.90
N GLY A 228 4.11 -8.46 -7.17
CA GLY A 228 5.04 -8.91 -8.20
C GLY A 228 5.84 -7.71 -8.67
N GLN A 229 6.81 -7.90 -9.59
CA GLN A 229 7.61 -6.78 -10.11
C GLN A 229 6.75 -5.94 -11.02
N TYR A 230 6.71 -4.60 -10.74
CA TYR A 230 5.88 -3.58 -11.40
C TYR A 230 4.37 -3.93 -11.34
N ARG A 231 3.98 -4.86 -10.44
CA ARG A 231 2.60 -5.32 -10.23
C ARG A 231 2.20 -5.21 -8.76
N ILE A 232 1.34 -4.20 -8.41
CA ILE A 232 0.90 -3.98 -7.03
C ILE A 232 0.15 -5.23 -6.47
N HIS A 233 -0.79 -5.79 -7.24
CA HIS A 233 -1.56 -6.97 -6.85
C HIS A 233 -1.23 -8.13 -7.83
N ALA A 234 -0.38 -9.07 -7.40
CA ALA A 234 0.07 -10.18 -8.24
C ALA A 234 -0.87 -11.41 -8.30
N GLY A 235 -2.10 -11.29 -7.79
CA GLY A 235 -3.10 -12.37 -7.90
C GLY A 235 -3.53 -13.13 -6.66
N LYS A 236 -2.66 -13.25 -5.66
CA LYS A 236 -3.02 -13.97 -4.43
C LYS A 236 -3.61 -12.99 -3.42
N THR A 237 -4.83 -13.26 -2.91
CA THR A 237 -5.45 -12.33 -1.96
C THR A 237 -5.41 -12.90 -0.55
N VAL A 238 -5.11 -12.01 0.41
CA VAL A 238 -5.09 -12.34 1.83
C VAL A 238 -6.43 -11.81 2.39
N PRO A 239 -7.45 -12.67 2.65
CA PRO A 239 -8.73 -12.15 3.20
C PRO A 239 -8.60 -11.62 4.63
N ILE A 240 -9.56 -10.77 5.04
CA ILE A 240 -9.52 -10.19 6.38
C ILE A 240 -10.76 -10.66 7.19
N VAL A 241 -11.50 -11.62 6.61
CA VAL A 241 -12.66 -12.30 7.22
C VAL A 241 -12.52 -13.81 6.97
N LYS A 242 -13.34 -14.63 7.67
CA LYS A 242 -13.41 -16.08 7.47
C LYS A 242 -14.17 -16.30 6.14
N GLY A 243 -13.91 -17.45 5.49
CA GLY A 243 -14.56 -17.80 4.23
C GLY A 243 -13.67 -17.84 2.99
N GLY A 244 -12.47 -17.26 3.09
CA GLY A 244 -11.51 -17.18 1.99
C GLY A 244 -10.97 -18.49 1.44
N GLU A 245 -10.19 -18.41 0.36
CA GLU A 245 -9.60 -19.57 -0.32
C GLU A 245 -8.50 -20.23 0.52
N ALA A 246 -8.43 -21.58 0.50
CA ALA A 246 -7.41 -22.34 1.24
C ALA A 246 -6.05 -22.45 0.51
N THR A 247 -5.79 -21.56 -0.48
CA THR A 247 -4.53 -21.41 -1.22
C THR A 247 -3.42 -21.03 -0.21
N ARG A 248 -2.20 -21.56 -0.39
CA ARG A 248 -1.08 -21.36 0.52
C ARG A 248 -0.04 -20.32 0.07
N MET A 249 0.66 -19.68 1.05
CA MET A 249 1.74 -18.72 0.79
C MET A 249 3.01 -19.55 0.46
N GLU A 250 3.78 -19.14 -0.57
CA GLU A 250 4.99 -19.85 -1.02
C GLU A 250 6.29 -19.06 -0.78
N GLU A 251 7.44 -19.78 -0.83
CA GLU A 251 8.80 -19.23 -0.63
C GLU A 251 9.17 -18.22 -1.72
N GLY A 252 9.81 -17.12 -1.30
CA GLY A 252 10.25 -16.04 -2.19
C GLY A 252 9.20 -14.98 -2.50
N GLU A 253 7.94 -15.23 -2.09
CA GLU A 253 6.85 -14.30 -2.35
C GLU A 253 6.93 -13.02 -1.50
N VAL A 254 6.22 -11.98 -1.93
CA VAL A 254 6.13 -10.69 -1.28
C VAL A 254 4.65 -10.39 -1.11
N TYR A 255 4.23 -10.01 0.11
CA TYR A 255 2.84 -9.74 0.41
C TYR A 255 2.65 -8.40 1.08
N ALA A 256 1.53 -7.75 0.76
CA ALA A 256 1.18 -6.54 1.45
C ALA A 256 0.11 -6.96 2.46
N ILE A 257 0.45 -6.86 3.73
CA ILE A 257 -0.47 -7.24 4.80
C ILE A 257 -1.21 -6.01 5.27
N GLU A 258 -2.39 -5.75 4.67
CA GLU A 258 -3.28 -4.66 5.04
C GLU A 258 -4.57 -5.19 5.58
N THR A 259 -5.07 -4.53 6.64
CA THR A 259 -6.38 -4.83 7.19
C THR A 259 -7.17 -3.50 7.33
N PHE A 260 -8.49 -3.60 7.25
CA PHE A 260 -9.40 -2.46 7.35
C PHE A 260 -10.44 -2.71 8.41
N GLY A 261 -10.70 -1.71 9.22
CA GLY A 261 -11.72 -1.74 10.26
C GLY A 261 -12.76 -0.68 9.98
N SER A 262 -14.03 -0.99 10.23
CA SER A 262 -15.11 -0.06 9.96
C SER A 262 -16.19 -0.13 11.01
N THR A 263 -16.80 1.04 11.31
CA THR A 263 -17.94 1.12 12.23
C THR A 263 -19.24 1.02 11.38
N GLY A 264 -19.11 0.94 10.05
CA GLY A 264 -20.22 0.86 9.12
C GLY A 264 -20.67 -0.55 8.82
N LYS A 265 -21.02 -0.81 7.56
CA LYS A 265 -21.50 -2.10 7.08
C LYS A 265 -20.44 -3.20 6.96
N GLY A 266 -19.17 -2.82 6.90
CA GLY A 266 -18.06 -3.76 6.73
C GLY A 266 -17.87 -4.23 5.30
N VAL A 267 -18.43 -3.44 4.38
CA VAL A 267 -18.34 -3.67 2.94
C VAL A 267 -18.20 -2.31 2.24
N VAL A 268 -17.46 -2.25 1.13
CA VAL A 268 -17.25 -1.01 0.39
C VAL A 268 -17.75 -1.04 -1.05
N HIS A 269 -18.24 0.11 -1.53
CA HIS A 269 -18.76 0.27 -2.88
C HIS A 269 -18.08 1.45 -3.58
N ASP A 270 -18.01 1.41 -4.90
CA ASP A 270 -17.39 2.50 -5.65
C ASP A 270 -18.21 3.75 -5.44
N ASP A 271 -17.53 4.85 -5.16
CA ASP A 271 -18.18 6.14 -4.95
C ASP A 271 -17.18 7.26 -5.25
N MET A 272 -17.72 8.44 -5.61
CA MET A 272 -16.99 9.68 -5.91
C MET A 272 -16.25 9.65 -7.26
N GLU A 273 -15.56 10.74 -7.55
CA GLU A 273 -14.79 10.84 -8.79
C GLU A 273 -13.54 9.98 -8.72
N CYS A 274 -13.24 9.27 -9.80
CA CYS A 274 -12.07 8.40 -9.87
C CYS A 274 -10.77 9.18 -10.08
N SER A 275 -9.73 8.80 -9.35
CA SER A 275 -8.41 9.42 -9.48
C SER A 275 -7.33 8.41 -9.82
N HIS A 276 -7.49 7.17 -9.36
CA HIS A 276 -6.53 6.09 -9.57
C HIS A 276 -6.81 5.27 -10.82
N TYR A 277 -5.79 5.10 -11.65
CA TYR A 277 -5.90 4.30 -12.87
C TYR A 277 -4.64 3.42 -12.99
N MET A 278 -4.76 2.30 -13.68
CA MET A 278 -3.63 1.41 -13.85
C MET A 278 -3.84 0.59 -15.09
N LYS A 279 -2.78 0.52 -15.91
CA LYS A 279 -2.77 -0.29 -17.12
C LYS A 279 -2.97 -1.76 -16.71
N ASN A 280 -3.76 -2.50 -17.47
CA ASN A 280 -3.99 -3.92 -17.15
C ASN A 280 -2.73 -4.71 -17.53
N PHE A 281 -2.15 -5.43 -16.57
CA PHE A 281 -0.93 -6.23 -16.72
C PHE A 281 -1.03 -7.32 -17.80
N ASP A 282 -2.20 -7.95 -17.94
CA ASP A 282 -2.39 -9.07 -18.89
C ASP A 282 -2.64 -8.63 -20.31
N VAL A 283 -2.92 -7.33 -20.51
CA VAL A 283 -3.14 -6.79 -21.84
C VAL A 283 -1.77 -6.48 -22.48
N GLY A 284 -1.56 -7.05 -23.66
CA GLY A 284 -0.34 -6.85 -24.43
C GLY A 284 -0.41 -5.57 -25.25
N HIS A 285 0.36 -5.52 -26.36
CA HIS A 285 0.38 -4.34 -27.23
C HIS A 285 -0.92 -4.23 -28.02
N VAL A 286 -1.47 -3.01 -28.05
CA VAL A 286 -2.70 -2.69 -28.77
C VAL A 286 -2.41 -1.47 -29.68
N PRO A 287 -2.30 -1.66 -31.02
CA PRO A 287 -2.09 -0.49 -31.91
C PRO A 287 -3.27 0.47 -31.83
N ILE A 288 -3.00 1.77 -31.62
CA ILE A 288 -4.04 2.79 -31.51
C ILE A 288 -3.76 3.90 -32.50
N ARG A 289 -4.74 4.24 -33.32
CA ARG A 289 -4.64 5.27 -34.34
C ARG A 289 -5.22 6.58 -33.85
N LEU A 290 -6.28 6.53 -33.02
CA LEU A 290 -6.92 7.71 -32.42
C LEU A 290 -5.77 8.55 -31.83
N PRO A 291 -5.45 9.74 -32.42
CA PRO A 291 -4.23 10.46 -32.00
C PRO A 291 -4.11 10.84 -30.53
N ARG A 292 -5.17 11.38 -29.94
CA ARG A 292 -5.13 11.80 -28.53
C ARG A 292 -5.08 10.58 -27.60
N THR A 293 -5.80 9.50 -27.96
CA THR A 293 -5.82 8.23 -27.22
C THR A 293 -4.42 7.55 -27.34
N LYS A 294 -3.79 7.63 -28.54
CA LYS A 294 -2.46 7.07 -28.83
C LYS A 294 -1.41 7.79 -27.96
N HIS A 295 -1.43 9.14 -28.01
CA HIS A 295 -0.54 9.98 -27.22
C HIS A 295 -0.64 9.70 -25.72
N LEU A 296 -1.85 9.64 -25.17
CA LEU A 296 -2.00 9.37 -23.75
C LEU A 296 -1.42 8.01 -23.32
N LEU A 297 -1.65 6.94 -24.12
CA LEU A 297 -1.11 5.61 -23.83
C LEU A 297 0.43 5.59 -23.89
N ASN A 298 1.04 6.36 -24.82
CA ASN A 298 2.50 6.46 -24.90
C ASN A 298 3.03 7.17 -23.66
N VAL A 299 2.31 8.17 -23.14
CA VAL A 299 2.66 8.90 -21.90
C VAL A 299 2.62 7.89 -20.72
N ILE A 300 1.56 7.07 -20.66
CA ILE A 300 1.40 6.05 -19.62
C ILE A 300 2.53 5.01 -19.67
N ASN A 301 2.81 4.46 -20.85
CA ASN A 301 3.84 3.44 -21.04
C ASN A 301 5.25 3.94 -20.70
N GLU A 302 5.53 5.21 -20.98
CA GLU A 302 6.82 5.83 -20.69
C GLU A 302 7.00 6.13 -19.22
N ASN A 303 5.98 6.69 -18.59
CA ASN A 303 6.10 7.16 -17.20
C ASN A 303 5.65 6.21 -16.13
N PHE A 304 4.69 5.33 -16.43
CA PHE A 304 4.13 4.45 -15.40
C PHE A 304 4.22 2.95 -15.70
N GLY A 305 4.28 2.56 -16.97
CA GLY A 305 4.24 1.16 -17.34
C GLY A 305 2.99 0.55 -16.76
N THR A 306 3.14 -0.48 -15.91
CA THR A 306 2.02 -1.15 -15.24
C THR A 306 1.80 -0.68 -13.77
N LEU A 307 2.54 0.38 -13.32
CA LEU A 307 2.36 0.95 -11.97
C LEU A 307 1.14 1.85 -12.02
N ALA A 308 0.41 1.98 -10.89
CA ALA A 308 -0.74 2.86 -10.84
C ALA A 308 -0.32 4.32 -10.93
N PHE A 309 -1.23 5.16 -11.41
CA PHE A 309 -0.99 6.60 -11.54
C PHE A 309 -2.33 7.26 -11.25
N CYS A 310 -2.31 8.60 -11.10
CA CYS A 310 -3.48 9.42 -10.89
C CYS A 310 -3.49 10.56 -11.92
N ARG A 311 -4.64 11.20 -12.09
CA ARG A 311 -4.82 12.33 -13.00
C ARG A 311 -3.86 13.48 -12.67
N ARG A 312 -3.63 13.78 -11.35
CA ARG A 312 -2.69 14.85 -10.92
C ARG A 312 -1.30 14.63 -11.49
N TRP A 313 -0.91 13.36 -11.65
CA TRP A 313 0.40 12.99 -12.23
C TRP A 313 0.40 13.18 -13.74
N LEU A 314 -0.79 13.18 -14.39
CA LEU A 314 -0.92 13.46 -15.82
C LEU A 314 -0.81 14.99 -16.00
N ASP A 315 -1.52 15.78 -15.15
CA ASP A 315 -1.46 17.26 -15.18
C ASP A 315 -0.01 17.75 -15.04
N ARG A 316 0.72 17.14 -14.09
CA ARG A 316 2.13 17.37 -13.74
C ARG A 316 3.08 17.21 -14.96
N LEU A 317 2.78 16.29 -15.87
CA LEU A 317 3.54 16.04 -17.09
C LEU A 317 3.17 17.01 -18.22
N GLY A 318 2.30 17.98 -17.93
CA GLY A 318 1.86 18.96 -18.90
C GLY A 318 0.75 18.48 -19.81
N GLU A 319 0.03 17.43 -19.42
CA GLU A 319 -1.07 16.90 -20.21
C GLU A 319 -2.35 17.66 -19.88
N SER A 320 -3.22 17.85 -20.89
CA SER A 320 -4.52 18.52 -20.73
C SER A 320 -5.52 17.99 -21.75
N LYS A 321 -6.82 18.05 -21.43
CA LYS A 321 -7.93 17.56 -22.28
C LYS A 321 -7.70 16.08 -22.64
N TYR A 322 -7.28 15.29 -21.64
CA TYR A 322 -6.98 13.86 -21.80
C TYR A 322 -8.08 12.95 -21.23
N LEU A 323 -9.15 13.53 -20.59
CA LEU A 323 -10.22 12.72 -19.99
C LEU A 323 -10.94 11.78 -20.97
N MET A 324 -11.22 12.23 -22.19
CA MET A 324 -11.89 11.37 -23.18
C MET A 324 -10.93 10.25 -23.62
N ALA A 325 -9.66 10.61 -23.84
CA ALA A 325 -8.58 9.69 -24.24
C ALA A 325 -8.38 8.61 -23.16
N LEU A 326 -8.43 9.02 -21.86
CA LEU A 326 -8.36 8.14 -20.69
C LEU A 326 -9.57 7.21 -20.56
N LYS A 327 -10.77 7.75 -20.81
CA LYS A 327 -12.04 7.01 -20.81
C LYS A 327 -12.00 5.97 -21.95
N ASN A 328 -11.47 6.36 -23.13
CA ASN A 328 -11.28 5.47 -24.27
C ASN A 328 -10.40 4.26 -23.91
N LEU A 329 -9.29 4.48 -23.18
CA LEU A 329 -8.37 3.42 -22.74
C LEU A 329 -9.01 2.50 -21.71
N CYS A 330 -9.88 3.07 -20.86
CA CYS A 330 -10.66 2.32 -19.89
C CYS A 330 -11.67 1.43 -20.58
N ASP A 331 -12.47 1.99 -21.53
CA ASP A 331 -13.48 1.22 -22.30
C ASP A 331 -12.85 0.16 -23.18
N LEU A 332 -11.62 0.41 -23.68
CA LEU A 332 -10.87 -0.56 -24.49
C LEU A 332 -10.28 -1.71 -23.65
N GLY A 333 -10.20 -1.54 -22.32
CA GLY A 333 -9.67 -2.54 -21.41
C GLY A 333 -8.16 -2.52 -21.26
N ILE A 334 -7.50 -1.42 -21.72
CA ILE A 334 -6.03 -1.25 -21.65
C ILE A 334 -5.73 -0.68 -20.28
N VAL A 335 -6.60 0.23 -19.81
CA VAL A 335 -6.49 0.87 -18.51
C VAL A 335 -7.72 0.52 -17.66
N ASP A 336 -7.51 0.25 -16.39
CA ASP A 336 -8.61 -0.02 -15.47
C ASP A 336 -8.72 1.15 -14.48
N PRO A 337 -9.94 1.68 -14.25
CA PRO A 337 -10.08 2.73 -13.21
C PRO A 337 -10.10 2.10 -11.82
N TYR A 338 -9.55 2.77 -10.78
CA TYR A 338 -9.63 2.24 -9.41
C TYR A 338 -10.33 3.30 -8.55
N PRO A 339 -11.69 3.38 -8.62
CA PRO A 339 -12.40 4.47 -7.93
C PRO A 339 -12.36 4.37 -6.41
N PRO A 340 -12.63 5.48 -5.67
CA PRO A 340 -12.65 5.42 -4.21
C PRO A 340 -13.66 4.38 -3.69
N LEU A 341 -13.23 3.59 -2.71
CA LEU A 341 -14.04 2.51 -2.11
C LEU A 341 -14.53 2.96 -0.76
N CYS A 342 -15.84 3.21 -0.66
CA CYS A 342 -16.47 3.74 0.56
C CYS A 342 -17.42 2.78 1.24
N ASP A 343 -17.48 2.85 2.57
CA ASP A 343 -18.52 2.19 3.35
C ASP A 343 -19.67 3.25 3.40
N ILE A 344 -20.75 2.98 4.16
CA ILE A 344 -21.93 3.84 4.29
C ILE A 344 -21.61 5.24 4.86
N LYS A 345 -22.44 6.23 4.53
CA LYS A 345 -22.33 7.62 5.00
C LYS A 345 -22.35 7.62 6.55
N GLY A 346 -21.49 8.40 7.17
CA GLY A 346 -21.43 8.49 8.63
C GLY A 346 -20.61 7.41 9.33
N SER A 347 -20.07 6.43 8.57
CA SER A 347 -19.22 5.36 9.11
C SER A 347 -17.72 5.77 9.16
N TYR A 348 -16.92 5.13 10.02
CA TYR A 348 -15.48 5.42 10.14
C TYR A 348 -14.66 4.19 9.81
N THR A 349 -13.68 4.37 8.92
CA THR A 349 -12.80 3.31 8.46
C THR A 349 -11.33 3.68 8.80
N ALA A 350 -10.53 2.67 9.23
CA ALA A 350 -9.12 2.80 9.58
C ALA A 350 -8.36 1.67 8.87
N GLN A 351 -7.07 1.88 8.62
CA GLN A 351 -6.21 0.95 7.88
C GLN A 351 -4.79 1.05 8.37
N PHE A 352 -4.11 -0.11 8.37
CA PHE A 352 -2.69 -0.23 8.67
C PHE A 352 -2.18 -1.28 7.72
N GLU A 353 -0.99 -1.02 7.13
CA GLU A 353 -0.42 -1.91 6.12
C GLU A 353 1.09 -1.90 6.13
N HIS A 354 1.67 -3.11 6.08
CA HIS A 354 3.10 -3.33 5.94
C HIS A 354 3.35 -4.25 4.75
N THR A 355 4.60 -4.26 4.27
CA THR A 355 5.07 -5.14 3.21
C THR A 355 5.97 -6.16 3.88
N ILE A 356 5.75 -7.44 3.55
CA ILE A 356 6.51 -8.56 4.07
C ILE A 356 7.18 -9.39 2.94
N LEU A 357 8.44 -9.78 3.15
CA LEU A 357 9.23 -10.61 2.24
C LEU A 357 9.26 -12.02 2.80
N LEU A 358 8.82 -13.02 2.02
CA LEU A 358 8.85 -14.42 2.44
C LEU A 358 10.18 -15.07 2.00
N ARG A 359 11.29 -14.57 2.58
CA ARG A 359 12.66 -15.02 2.32
C ARG A 359 12.88 -16.47 2.70
N PRO A 360 13.75 -17.23 1.99
CA PRO A 360 13.94 -18.65 2.36
C PRO A 360 14.37 -18.91 3.81
N THR A 361 15.12 -17.96 4.42
CA THR A 361 15.66 -18.11 5.79
C THR A 361 14.77 -17.55 6.88
N CYS A 362 14.07 -16.43 6.60
CA CYS A 362 13.24 -15.76 7.59
C CYS A 362 12.11 -14.97 6.91
N LYS A 363 11.22 -14.40 7.74
CA LYS A 363 10.14 -13.53 7.31
C LYS A 363 10.62 -12.12 7.63
N GLU A 364 10.80 -11.28 6.60
CA GLU A 364 11.23 -9.89 6.80
C GLU A 364 10.08 -8.89 6.61
N VAL A 365 9.71 -8.16 7.69
CA VAL A 365 8.72 -7.08 7.67
C VAL A 365 9.58 -5.90 7.22
N VAL A 366 9.91 -5.90 5.92
CA VAL A 366 10.83 -4.98 5.28
C VAL A 366 10.44 -3.50 5.48
N SER A 367 9.12 -3.19 5.50
CA SER A 367 8.67 -1.81 5.69
C SER A 367 8.70 -1.34 7.17
N ARG A 368 9.03 -2.24 8.13
CA ARG A 368 9.13 -1.89 9.56
C ARG A 368 10.63 -1.96 9.98
N GLY A 369 11.14 -0.84 10.54
CA GLY A 369 12.54 -0.69 10.95
C GLY A 369 13.02 -1.69 11.98
C1 GOL B . 5.22 2.64 12.55
O1 GOL B . 5.82 2.72 11.25
C2 GOL B . 5.45 1.29 13.19
O2 GOL B . 5.07 1.37 14.58
C3 GOL B . 4.63 0.22 12.52
O3 GOL B . 4.89 -1.06 13.08
C1 HZQ C . -3.80 -0.63 -4.68
C2 HZQ C . -3.39 -1.07 -3.37
C3 HZQ C . -3.83 0.76 -4.96
N6 HZQ C . -3.37 -2.39 -3.10
C7 HZQ C . -3.46 1.66 -4.00
C9 HZQ C . -4.13 -2.93 -5.29
C10 HZQ C . -3.06 1.24 -2.72
C12 HZQ C . -3.71 -3.29 -4.00
C4 HZQ C . -4.19 -1.60 -5.64
C5 HZQ C . -3.01 -0.10 -2.41
CL8 HZQ C . -4.35 1.32 -6.51
O11 HZQ C . -2.62 -0.49 -1.16
MN MN D . -2.18 -2.70 -0.81
MN MN E . -1.48 0.40 0.36
#